data_7C51
#
_entry.id   7C51
#
_cell.length_a   82.864
_cell.length_b   82.864
_cell.length_c   201.284
_cell.angle_alpha   90.000
_cell.angle_beta   90.000
_cell.angle_gamma   120.000
#
_symmetry.space_group_name_H-M   'H 3 2'
#
loop_
_entity.id
_entity.type
_entity.pdbx_description
1 polymer 'SIMPL domain-containing protein'
2 water water
#
_entity_poly.entity_id   1
_entity_poly.type   'polypeptide(L)'
_entity_poly.pdbx_seq_one_letter_code
;GSAKDPKALSDFKTLERSVSVKGLSQKEVEADTLILPIKFTRSNNNLTNLYEELEQDKENIIKFLKEQGVKEDEINYNSP
NIIDRLSDPYSNDTQAAYRYIGTANLLIYTQNVKLGKSILENISSLAKFGIVTKIDDYDIEYLYTKLNEIKPQMIEEATL
NARNAAIKFAQDSNSHLGKIKKASQGQFSINNRDKNTPYIKTIRVVSTIEYYLKD
;
_entity_poly.pdbx_strand_id   A
#
# COMPACT_ATOMS: atom_id res chain seq x y z
N LYS A 13 -49.02 -12.56 29.42
CA LYS A 13 -48.42 -11.28 29.77
C LYS A 13 -47.16 -10.99 28.95
N THR A 14 -46.49 -12.05 28.51
CA THR A 14 -45.29 -11.96 27.68
C THR A 14 -45.24 -13.17 26.76
N LEU A 15 -44.77 -12.97 25.52
CA LEU A 15 -44.88 -14.01 24.49
C LEU A 15 -43.56 -14.65 24.10
N GLU A 16 -42.42 -14.04 24.41
CA GLU A 16 -41.13 -14.67 24.20
C GLU A 16 -40.06 -13.80 24.85
N ARG A 17 -38.90 -14.42 25.07
CA ARG A 17 -37.71 -13.72 25.57
C ARG A 17 -36.52 -14.18 24.76
N SER A 18 -35.69 -13.23 24.35
CA SER A 18 -34.50 -13.56 23.58
C SER A 18 -33.31 -12.75 24.09
N VAL A 19 -32.13 -13.34 23.97
CA VAL A 19 -30.87 -12.70 24.39
C VAL A 19 -29.98 -12.54 23.17
N SER A 20 -29.31 -11.39 23.09
CA SER A 20 -28.43 -11.09 21.97
C SER A 20 -27.03 -10.79 22.49
N VAL A 21 -26.04 -11.42 21.86
CA VAL A 21 -24.65 -11.21 22.19
C VAL A 21 -23.88 -10.92 20.91
N LYS A 22 -22.92 -10.02 21.00
CA LYS A 22 -22.01 -9.75 19.89
C LYS A 22 -20.65 -10.34 20.24
N GLY A 23 -20.12 -11.17 19.34
CA GLY A 23 -18.83 -11.79 19.53
C GLY A 23 -17.79 -11.10 18.65
N LEU A 24 -16.62 -10.88 19.22
CA LEU A 24 -15.55 -10.13 18.56
C LEU A 24 -14.38 -11.05 18.28
N SER A 25 -13.93 -11.06 17.03
CA SER A 25 -12.66 -11.63 16.63
C SER A 25 -11.76 -10.48 16.18
N GLN A 26 -10.59 -10.36 16.81
CA GLN A 26 -9.64 -9.31 16.47
C GLN A 26 -8.24 -9.88 16.46
N LYS A 27 -7.46 -9.45 15.48
CA LYS A 27 -6.14 -10.02 15.20
C LYS A 27 -5.28 -8.93 14.61
N GLU A 28 -4.05 -8.81 15.11
CA GLU A 28 -3.02 -8.01 14.45
C GLU A 28 -2.21 -8.93 13.56
N VAL A 29 -1.96 -8.50 12.32
CA VAL A 29 -1.19 -9.28 11.36
C VAL A 29 -0.22 -8.35 10.64
N GLU A 30 0.80 -8.95 10.04
CA GLU A 30 1.82 -8.22 9.31
C GLU A 30 1.51 -8.32 7.82
N ALA A 31 1.40 -7.16 7.16
CA ALA A 31 1.23 -7.13 5.72
C ALA A 31 2.31 -7.97 5.04
N ASP A 32 1.92 -8.66 3.97
CA ASP A 32 2.84 -9.48 3.20
C ASP A 32 3.23 -8.86 1.86
N THR A 33 2.68 -7.71 1.51
CA THR A 33 2.95 -7.11 0.22
C THR A 33 3.14 -5.60 0.39
N LEU A 34 4.24 -5.09 -0.14
CA LEU A 34 4.50 -3.66 -0.24
C LEU A 34 4.67 -3.31 -1.71
N ILE A 35 3.85 -2.38 -2.19
CA ILE A 35 3.93 -1.87 -3.56
C ILE A 35 4.36 -0.41 -3.46
N LEU A 36 5.54 -0.11 -3.99
CA LEU A 36 6.17 1.21 -3.79
C LEU A 36 6.60 1.78 -5.13
N PRO A 37 5.84 2.70 -5.71
CA PRO A 37 6.23 3.29 -7.00
C PRO A 37 7.07 4.54 -6.85
N ILE A 38 8.24 4.55 -7.46
CA ILE A 38 9.15 5.69 -7.44
C ILE A 38 9.21 6.26 -8.85
N LYS A 39 8.60 7.43 -9.05
CA LYS A 39 8.68 8.13 -10.31
C LYS A 39 9.85 9.11 -10.31
N PHE A 40 10.53 9.22 -11.44
CA PHE A 40 11.55 10.23 -11.61
C PHE A 40 11.47 10.80 -13.02
N THR A 41 11.77 12.09 -13.13
CA THR A 41 11.46 12.85 -14.33
C THR A 41 12.66 13.71 -14.73
N ARG A 42 12.80 13.93 -16.03
CA ARG A 42 13.87 14.75 -16.58
C ARG A 42 13.34 15.48 -17.80
N SER A 43 14.00 16.58 -18.13
CA SER A 43 13.73 17.36 -19.34
C SER A 43 15.03 17.60 -20.08
N ASN A 44 14.93 17.74 -21.39
CA ASN A 44 16.11 17.92 -22.22
C ASN A 44 15.66 18.37 -23.61
N ASN A 45 16.51 19.14 -24.27
CA ASN A 45 16.23 19.51 -25.65
C ASN A 45 16.56 18.38 -26.61
N ASN A 46 17.52 17.53 -26.24
CA ASN A 46 17.92 16.40 -27.06
C ASN A 46 17.33 15.12 -26.45
N LEU A 47 16.56 14.38 -27.25
CA LEU A 47 15.85 13.22 -26.70
C LEU A 47 16.81 12.09 -26.33
N THR A 48 17.86 11.89 -27.13
CA THR A 48 18.88 10.92 -26.76
C THR A 48 19.51 11.24 -25.42
N ASN A 49 19.72 12.54 -25.16
CA ASN A 49 20.26 12.95 -23.86
C ASN A 49 19.26 12.75 -22.74
N LEU A 50 17.96 12.89 -23.02
CA LEU A 50 16.96 12.62 -21.99
C LEU A 50 16.99 11.16 -21.57
N TYR A 51 17.13 10.25 -22.54
CA TYR A 51 17.17 8.83 -22.22
C TYR A 51 18.42 8.49 -21.42
N GLU A 52 19.56 9.11 -21.75
CA GLU A 52 20.80 8.81 -21.03
C GLU A 52 20.74 9.27 -19.58
N GLU A 53 20.16 10.46 -19.34
CA GLU A 53 20.05 10.93 -17.96
C GLU A 53 19.00 10.13 -17.19
N LEU A 54 17.91 9.73 -17.85
CA LEU A 54 16.97 8.84 -17.19
C LEU A 54 17.62 7.51 -16.85
N GLU A 55 18.38 6.93 -17.79
CA GLU A 55 19.04 5.66 -17.55
C GLU A 55 20.06 5.78 -16.41
N GLN A 56 20.79 6.90 -16.35
CA GLN A 56 21.72 7.10 -15.25
C GLN A 56 20.98 7.34 -13.93
N ASP A 57 19.87 8.10 -13.99
CA ASP A 57 19.01 8.22 -12.82
C ASP A 57 18.55 6.85 -12.34
N LYS A 58 18.11 5.99 -13.27
CA LYS A 58 17.59 4.67 -12.91
C LYS A 58 18.67 3.84 -12.23
N GLU A 59 19.91 3.91 -12.71
CA GLU A 59 20.98 3.12 -12.11
C GLU A 59 21.26 3.58 -10.69
N ASN A 60 21.25 4.90 -10.47
CA ASN A 60 21.51 5.42 -9.13
C ASN A 60 20.38 5.09 -8.16
N ILE A 61 19.13 5.18 -8.62
CA ILE A 61 18.01 4.81 -7.74
C ILE A 61 18.09 3.34 -7.38
N ILE A 62 18.40 2.47 -8.36
CA ILE A 62 18.51 1.04 -8.07
C ILE A 62 19.61 0.77 -7.06
N LYS A 63 20.75 1.46 -7.18
CA LYS A 63 21.84 1.26 -6.23
C LYS A 63 21.41 1.65 -4.83
N PHE A 64 20.64 2.74 -4.70
CA PHE A 64 20.15 3.17 -3.40
C PHE A 64 19.13 2.18 -2.84
N LEU A 65 18.30 1.59 -3.70
CA LEU A 65 17.33 0.59 -3.26
C LEU A 65 18.02 -0.70 -2.81
N LYS A 66 19.10 -1.08 -3.50
CA LYS A 66 19.83 -2.28 -3.12
C LYS A 66 20.59 -2.07 -1.82
N GLU A 67 21.13 -0.87 -1.61
CA GLU A 67 21.71 -0.53 -0.30
C GLU A 67 20.64 -0.62 0.79
N GLN A 68 19.39 -0.29 0.45
CA GLN A 68 18.29 -0.31 1.40
C GLN A 68 17.74 -1.70 1.66
N GLY A 69 18.13 -2.70 0.87
CA GLY A 69 17.72 -4.08 1.09
C GLY A 69 16.88 -4.65 -0.03
N VAL A 70 16.38 -3.81 -0.94
CA VAL A 70 15.60 -4.31 -2.07
C VAL A 70 16.48 -5.14 -2.97
N LYS A 71 15.98 -6.29 -3.40
CA LYS A 71 16.70 -7.13 -4.35
C LYS A 71 16.33 -6.73 -5.77
N GLU A 72 17.19 -7.13 -6.72
CA GLU A 72 16.95 -6.77 -8.13
C GLU A 72 15.63 -7.34 -8.63
N ASP A 73 15.27 -8.55 -8.18
CA ASP A 73 14.08 -9.21 -8.68
C ASP A 73 12.80 -8.65 -8.06
N GLU A 74 12.91 -7.68 -7.16
CA GLU A 74 11.74 -6.98 -6.63
C GLU A 74 11.48 -5.66 -7.33
N ILE A 75 12.34 -5.27 -8.26
CA ILE A 75 12.26 -3.98 -8.92
C ILE A 75 11.75 -4.18 -10.34
N ASN A 76 10.72 -3.41 -10.70
CA ASN A 76 10.12 -3.47 -12.02
C ASN A 76 10.20 -2.08 -12.65
N TYR A 77 10.23 -2.06 -13.98
CA TYR A 77 10.60 -0.84 -14.71
C TYR A 77 9.91 -0.87 -16.06
N ASN A 78 9.04 0.11 -16.30
CA ASN A 78 8.42 0.23 -17.60
C ASN A 78 9.16 1.23 -18.47
N SER A 79 8.82 1.26 -19.76
CA SER A 79 9.42 2.23 -20.65
C SER A 79 9.07 3.65 -20.20
N PRO A 80 10.03 4.56 -20.16
CA PRO A 80 9.71 5.95 -19.80
C PRO A 80 8.68 6.55 -20.76
N ASN A 81 7.81 7.39 -20.21
CA ASN A 81 6.79 8.09 -20.99
C ASN A 81 7.34 9.44 -21.41
N ILE A 82 7.45 9.67 -22.72
CA ILE A 82 8.10 10.84 -23.27
C ILE A 82 7.05 11.75 -23.91
N ILE A 83 7.10 13.03 -23.56
CA ILE A 83 6.21 14.03 -24.14
C ILE A 83 7.03 15.02 -24.95
N ASP A 84 6.65 15.20 -26.21
CA ASP A 84 7.22 16.23 -27.06
C ASP A 84 6.40 17.50 -26.89
N ARG A 85 7.01 18.52 -26.30
CA ARG A 85 6.37 19.83 -26.16
C ARG A 85 6.65 20.76 -27.33
N LEU A 86 7.72 20.53 -28.08
CA LEU A 86 8.12 21.37 -29.23
C LEU A 86 8.51 22.78 -28.80
N SER A 87 9.06 22.92 -27.59
CA SER A 87 9.50 24.20 -27.06
C SER A 87 11.01 24.35 -27.27
N ASP A 88 11.54 25.52 -26.86
CA ASP A 88 12.98 25.76 -27.00
C ASP A 88 13.44 26.77 -25.95
N PRO A 89 14.56 26.51 -25.27
CA PRO A 89 15.12 27.44 -24.28
C PRO A 89 15.95 28.55 -24.94
N TYR A 90 15.32 29.28 -25.85
CA TYR A 90 15.94 30.39 -26.56
C TYR A 90 14.85 31.38 -26.96
N SER A 91 13.70 30.83 -27.33
CA SER A 91 12.51 31.63 -27.66
C SER A 91 12.10 32.50 -26.47
N ASN A 92 12.24 33.82 -26.61
CA ASN A 92 11.92 34.76 -25.55
C ASN A 92 10.41 34.79 -25.31
N ASP A 93 9.92 33.89 -24.46
CA ASP A 93 8.52 33.85 -24.08
C ASP A 93 8.42 33.62 -22.58
N THR A 94 7.22 33.81 -22.03
CA THR A 94 6.98 33.53 -20.62
C THR A 94 6.71 32.06 -20.37
N GLN A 95 6.85 31.20 -21.38
CA GLN A 95 6.52 29.78 -21.24
C GLN A 95 7.45 28.93 -22.10
N ALA A 96 8.73 29.27 -22.11
CA ALA A 96 9.75 28.51 -22.83
C ALA A 96 10.35 27.45 -21.92
N ALA A 97 10.74 26.32 -22.52
CA ALA A 97 11.23 25.19 -21.74
C ALA A 97 12.01 24.26 -22.67
N TYR A 98 12.53 23.17 -22.10
CA TYR A 98 13.13 22.13 -22.93
C TYR A 98 12.04 21.36 -23.67
N ARG A 99 12.40 20.86 -24.85
CA ARG A 99 11.41 20.32 -25.77
C ARG A 99 10.77 19.04 -25.22
N TYR A 100 11.58 18.12 -24.72
CA TYR A 100 11.09 16.81 -24.29
C TYR A 100 11.10 16.73 -22.78
N ILE A 101 10.10 16.02 -22.25
CA ILE A 101 10.05 15.71 -20.82
C ILE A 101 9.73 14.23 -20.69
N GLY A 102 10.52 13.52 -19.88
CA GLY A 102 10.33 12.10 -19.71
C GLY A 102 10.16 11.74 -18.25
N THR A 103 9.17 10.90 -17.97
CA THR A 103 8.94 10.38 -16.62
C THR A 103 9.07 8.87 -16.65
N ALA A 104 9.77 8.32 -15.66
CA ALA A 104 9.96 6.90 -15.56
C ALA A 104 9.50 6.42 -14.19
N ASN A 105 9.21 5.13 -14.08
CA ASN A 105 8.69 4.56 -12.85
C ASN A 105 9.46 3.29 -12.50
N LEU A 106 10.08 3.30 -11.34
CA LEU A 106 10.65 2.10 -10.74
C LEU A 106 9.65 1.61 -9.71
N LEU A 107 9.05 0.45 -9.96
CA LEU A 107 7.95 -0.06 -9.15
C LEU A 107 8.47 -1.20 -8.30
N ILE A 108 8.48 -1.00 -6.97
CA ILE A 108 8.94 -2.01 -6.03
C ILE A 108 7.74 -2.87 -5.65
N TYR A 109 7.86 -4.19 -5.83
CA TYR A 109 6.87 -5.15 -5.36
C TYR A 109 7.63 -6.19 -4.53
N THR A 110 7.46 -6.12 -3.20
CA THR A 110 8.22 -7.00 -2.33
C THR A 110 7.35 -7.46 -1.16
N GLN A 111 7.71 -8.61 -0.61
CA GLN A 111 7.16 -9.10 0.64
C GLN A 111 7.91 -8.54 1.85
N ASN A 112 8.99 -7.78 1.63
CA ASN A 112 9.76 -7.17 2.71
C ASN A 112 9.15 -5.81 3.06
N VAL A 113 7.97 -5.87 3.71
CA VAL A 113 7.20 -4.67 3.97
C VAL A 113 7.89 -3.72 4.93
N LYS A 114 8.79 -4.20 5.78
CA LYS A 114 9.49 -3.30 6.68
C LYS A 114 10.58 -2.48 5.99
N LEU A 115 10.82 -2.71 4.70
CA LEU A 115 11.78 -1.90 3.96
C LEU A 115 11.25 -0.50 3.68
N GLY A 116 9.93 -0.33 3.64
CA GLY A 116 9.38 0.91 3.12
C GLY A 116 9.79 2.13 3.93
N LYS A 117 9.71 2.02 5.26
CA LYS A 117 10.04 3.17 6.12
C LYS A 117 11.40 3.74 5.78
N SER A 118 12.42 2.88 5.73
CA SER A 118 13.79 3.35 5.52
C SER A 118 13.98 3.89 4.10
N ILE A 119 13.30 3.32 3.11
CA ILE A 119 13.42 3.81 1.74
C ILE A 119 12.89 5.24 1.66
N LEU A 120 11.77 5.52 2.31
CA LEU A 120 11.09 6.79 2.15
C LEU A 120 11.80 7.93 2.88
N GLU A 121 12.51 7.65 3.97
CA GLU A 121 13.21 8.70 4.70
C GLU A 121 14.55 9.06 4.08
N ASN A 122 15.17 8.12 3.35
CA ASN A 122 16.51 8.34 2.82
C ASN A 122 16.52 8.69 1.34
N ILE A 123 15.36 8.60 0.67
CA ILE A 123 15.32 8.85 -0.78
C ILE A 123 15.71 10.28 -1.11
N SER A 124 15.63 11.19 -0.13
CA SER A 124 16.11 12.55 -0.34
C SER A 124 17.61 12.59 -0.62
N SER A 125 18.36 11.56 -0.20
CA SER A 125 19.80 11.54 -0.43
C SER A 125 20.15 11.51 -1.90
N LEU A 126 19.19 11.20 -2.77
CA LEU A 126 19.42 11.18 -4.22
C LEU A 126 19.39 12.57 -4.83
N ALA A 127 19.08 13.61 -4.04
CA ALA A 127 19.14 14.97 -4.56
C ALA A 127 20.53 15.31 -5.06
N LYS A 128 21.55 14.67 -4.50
CA LYS A 128 22.93 14.87 -4.93
C LYS A 128 23.05 14.84 -6.45
N PHE A 129 22.58 13.75 -7.07
CA PHE A 129 22.70 13.57 -8.52
C PHE A 129 21.77 14.46 -9.32
N GLY A 130 20.98 15.34 -8.70
CA GLY A 130 19.99 16.08 -9.43
C GLY A 130 18.77 15.27 -9.82
N ILE A 131 18.47 14.23 -9.04
CA ILE A 131 17.32 13.37 -9.30
C ILE A 131 16.09 13.98 -8.64
N VAL A 132 14.98 13.97 -9.36
CA VAL A 132 13.71 14.48 -8.86
C VAL A 132 12.79 13.27 -8.72
N THR A 133 12.68 12.74 -7.51
CA THR A 133 11.76 11.64 -7.24
C THR A 133 10.42 12.17 -6.74
N LYS A 134 9.34 11.59 -7.25
CA LYS A 134 7.98 11.88 -6.78
C LYS A 134 7.36 10.58 -6.32
N ILE A 135 6.96 10.52 -5.06
CA ILE A 135 6.31 9.35 -4.50
C ILE A 135 4.98 9.79 -3.90
N ASP A 136 3.88 9.33 -4.50
CA ASP A 136 2.54 9.67 -4.00
C ASP A 136 2.15 8.69 -2.90
N ASP A 137 1.85 9.24 -1.72
CA ASP A 137 1.44 8.40 -0.59
C ASP A 137 0.17 7.61 -0.90
N TYR A 138 -0.66 8.08 -1.83
CA TYR A 138 -1.90 7.40 -2.15
C TYR A 138 -1.66 6.07 -2.86
N ASP A 139 -0.58 5.98 -3.65
CA ASP A 139 -0.28 4.78 -4.44
C ASP A 139 0.72 3.86 -3.75
N ILE A 140 1.14 4.18 -2.53
CA ILE A 140 1.95 3.26 -1.72
C ILE A 140 1.00 2.27 -1.05
N GLU A 141 1.19 0.99 -1.33
CA GLU A 141 0.26 -0.04 -0.88
C GLU A 141 0.95 -0.97 0.11
N TYR A 142 0.35 -1.10 1.31
CA TYR A 142 0.69 -2.12 2.29
C TYR A 142 -0.52 -3.04 2.40
N LEU A 143 -0.43 -4.23 1.83
CA LEU A 143 -1.55 -5.14 1.76
C LEU A 143 -1.28 -6.43 2.52
N TYR A 144 -2.34 -7.00 3.07
CA TYR A 144 -2.34 -8.33 3.67
C TYR A 144 -3.11 -9.22 2.70
N THR A 145 -2.42 -9.71 1.66
CA THR A 145 -3.06 -10.44 0.58
C THR A 145 -3.70 -11.75 1.03
N LYS A 146 -3.38 -12.23 2.23
CA LYS A 146 -4.03 -13.39 2.82
C LYS A 146 -5.33 -13.04 3.54
N LEU A 147 -5.90 -11.86 3.29
CA LEU A 147 -7.02 -11.39 4.08
C LEU A 147 -8.22 -12.32 3.96
N ASN A 148 -8.55 -12.76 2.74
CA ASN A 148 -9.72 -13.61 2.56
C ASN A 148 -9.48 -15.02 3.11
N GLU A 149 -8.23 -15.48 3.12
CA GLU A 149 -7.94 -16.80 3.67
C GLU A 149 -8.19 -16.86 5.16
N ILE A 150 -7.96 -15.75 5.88
CA ILE A 150 -8.08 -15.75 7.34
C ILE A 150 -9.49 -15.47 7.81
N LYS A 151 -10.41 -15.12 6.90
CA LYS A 151 -11.76 -14.75 7.33
C LYS A 151 -12.52 -15.91 7.94
N PRO A 152 -12.54 -17.12 7.34
CA PRO A 152 -13.35 -18.20 7.93
C PRO A 152 -13.06 -18.50 9.40
N GLN A 153 -11.79 -18.54 9.80
CA GLN A 153 -11.50 -18.88 11.20
C GLN A 153 -11.85 -17.73 12.13
N MET A 154 -11.71 -16.48 11.69
CA MET A 154 -12.10 -15.37 12.54
C MET A 154 -13.63 -15.28 12.65
N ILE A 155 -14.37 -15.62 11.59
CA ILE A 155 -15.82 -15.69 11.71
C ILE A 155 -16.22 -16.75 12.73
N GLU A 156 -15.56 -17.92 12.68
CA GLU A 156 -15.84 -18.95 13.67
C GLU A 156 -15.54 -18.46 15.07
N GLU A 157 -14.40 -17.80 15.25
CA GLU A 157 -14.04 -17.32 16.58
C GLU A 157 -15.07 -16.33 17.12
N ALA A 158 -15.49 -15.38 16.28
CA ALA A 158 -16.51 -14.42 16.70
C ALA A 158 -17.81 -15.12 17.04
N THR A 159 -18.31 -15.97 16.14
CA THR A 159 -19.54 -16.72 16.41
C THR A 159 -19.42 -17.54 17.68
N LEU A 160 -18.25 -18.15 17.90
CA LEU A 160 -18.04 -18.95 19.10
C LEU A 160 -18.02 -18.08 20.35
N ASN A 161 -17.30 -16.96 20.31
CA ASN A 161 -17.29 -16.04 21.45
C ASN A 161 -18.68 -15.53 21.77
N ALA A 162 -19.53 -15.36 20.75
CA ALA A 162 -20.91 -14.96 21.01
C ALA A 162 -21.65 -16.06 21.76
N ARG A 163 -21.52 -17.31 21.29
CA ARG A 163 -22.20 -18.42 21.95
C ARG A 163 -21.76 -18.55 23.41
N ASN A 164 -20.46 -18.40 23.68
CA ASN A 164 -19.97 -18.61 25.04
C ASN A 164 -20.37 -17.49 25.98
N ALA A 165 -20.56 -16.27 25.48
CA ALA A 165 -21.13 -15.20 26.30
C ALA A 165 -22.60 -15.48 26.62
N ALA A 166 -23.32 -16.10 25.68
CA ALA A 166 -24.71 -16.43 25.91
C ALA A 166 -24.86 -17.50 26.99
N ILE A 167 -23.90 -18.43 27.06
CA ILE A 167 -23.92 -19.45 28.12
C ILE A 167 -23.85 -18.78 29.49
N LYS A 168 -22.90 -17.87 29.67
CA LYS A 168 -22.78 -17.13 30.92
C LYS A 168 -23.82 -16.02 31.02
N LEU A 177 -32.22 -20.71 27.45
CA LEU A 177 -31.13 -21.33 26.71
C LEU A 177 -31.70 -22.18 25.57
N GLY A 178 -32.53 -21.57 24.73
CA GLY A 178 -33.20 -22.24 23.64
C GLY A 178 -32.43 -22.17 22.34
N LYS A 179 -33.17 -22.24 21.23
CA LYS A 179 -32.57 -22.28 19.90
C LYS A 179 -32.04 -20.91 19.47
N ILE A 180 -31.72 -20.76 18.20
CA ILE A 180 -31.14 -19.53 17.65
C ILE A 180 -32.21 -18.78 16.86
N LYS A 181 -32.46 -17.53 17.24
CA LYS A 181 -33.46 -16.73 16.55
C LYS A 181 -32.90 -16.04 15.31
N LYS A 182 -31.79 -15.30 15.45
CA LYS A 182 -31.19 -14.62 14.32
C LYS A 182 -29.68 -14.71 14.42
N ALA A 183 -29.03 -14.86 13.27
CA ALA A 183 -27.58 -14.85 13.17
C ALA A 183 -27.18 -13.83 12.11
N SER A 184 -26.32 -12.89 12.48
CA SER A 184 -25.84 -11.90 11.53
C SER A 184 -24.33 -11.76 11.66
N GLN A 185 -23.73 -11.24 10.59
CA GLN A 185 -22.29 -11.13 10.44
C GLN A 185 -21.99 -9.75 9.90
N GLY A 186 -21.25 -8.95 10.67
CA GLY A 186 -20.77 -7.70 10.13
C GLY A 186 -19.75 -7.96 9.04
N GLN A 187 -19.43 -6.92 8.28
CA GLN A 187 -18.30 -7.06 7.39
C GLN A 187 -17.01 -6.96 8.19
N PHE A 188 -15.94 -7.51 7.62
CA PHE A 188 -14.62 -7.33 8.18
C PHE A 188 -14.17 -5.89 8.01
N SER A 189 -13.48 -5.36 9.02
CA SER A 189 -12.73 -4.13 8.89
C SER A 189 -11.24 -4.45 8.94
N ILE A 190 -10.43 -3.58 8.35
CA ILE A 190 -8.99 -3.76 8.36
C ILE A 190 -8.36 -2.37 8.43
N ASN A 191 -7.65 -2.10 9.51
CA ASN A 191 -7.09 -0.79 9.80
C ASN A 191 -5.60 -0.90 10.09
N ASN A 192 -4.88 0.18 9.83
CA ASN A 192 -3.51 0.28 10.30
C ASN A 192 -3.50 0.41 11.82
N ARG A 193 -2.49 -0.19 12.45
CA ARG A 193 -2.31 -0.09 13.89
C ARG A 193 -2.11 1.37 14.28
N ASP A 194 -0.93 1.90 14.03
CA ASP A 194 -0.65 3.32 14.21
C ASP A 194 -0.45 3.97 12.85
N LYS A 195 -0.20 5.28 12.88
CA LYS A 195 0.30 5.94 11.68
C LYS A 195 1.73 5.51 11.38
N ASN A 196 2.52 5.28 12.42
CA ASN A 196 3.91 4.87 12.26
C ASN A 196 4.07 3.40 11.92
N THR A 197 2.97 2.66 11.78
CA THR A 197 3.03 1.23 11.47
C THR A 197 2.01 0.90 10.38
N PRO A 198 2.30 1.28 9.13
CA PRO A 198 1.38 0.92 8.04
C PRO A 198 1.48 -0.53 7.63
N TYR A 199 2.57 -1.21 7.96
CA TYR A 199 2.75 -2.61 7.61
C TYR A 199 2.14 -3.56 8.64
N ILE A 200 1.45 -3.04 9.65
CA ILE A 200 0.72 -3.86 10.61
C ILE A 200 -0.75 -3.51 10.53
N LYS A 201 -1.58 -4.51 10.28
CA LYS A 201 -3.01 -4.32 10.08
C LYS A 201 -3.78 -4.89 11.26
N THR A 202 -4.80 -4.16 11.69
CA THR A 202 -5.76 -4.68 12.65
C THR A 202 -6.99 -5.14 11.87
N ILE A 203 -7.40 -6.38 12.10
CA ILE A 203 -8.50 -7.01 11.39
C ILE A 203 -9.55 -7.43 12.41
N ARG A 204 -10.79 -6.98 12.20
CA ARG A 204 -11.86 -7.16 13.17
C ARG A 204 -13.11 -7.67 12.47
N VAL A 205 -13.85 -8.55 13.16
CA VAL A 205 -15.17 -8.98 12.69
C VAL A 205 -16.04 -9.20 13.92
N VAL A 206 -17.33 -8.92 13.77
CA VAL A 206 -18.30 -9.06 14.84
C VAL A 206 -19.41 -9.98 14.36
N SER A 207 -19.67 -11.04 15.11
CA SER A 207 -20.74 -11.97 14.83
C SER A 207 -21.81 -11.80 15.89
N THR A 208 -23.05 -11.54 15.46
CA THR A 208 -24.18 -11.29 16.35
C THR A 208 -25.10 -12.50 16.36
N ILE A 209 -25.35 -13.04 17.55
CA ILE A 209 -26.21 -14.21 17.70
C ILE A 209 -27.30 -13.90 18.73
N GLU A 210 -28.55 -14.20 18.39
CA GLU A 210 -29.69 -14.02 19.27
C GLU A 210 -30.34 -15.38 19.56
N TYR A 211 -30.48 -15.71 20.85
CA TYR A 211 -31.04 -16.98 21.30
C TYR A 211 -32.41 -16.79 21.93
N TYR A 212 -33.11 -17.90 22.13
CA TYR A 212 -34.34 -17.90 22.91
C TYR A 212 -34.06 -18.28 24.36
#